data_6UDR
# 
_entry.id   6UDR 
# 
_audit_conform.dict_name       mmcif_pdbx.dic 
_audit_conform.dict_version    5.398 
_audit_conform.dict_location   http://mmcif.pdb.org/dictionaries/ascii/mmcif_pdbx.dic 
# 
loop_
_database_2.database_id 
_database_2.database_code 
_database_2.pdbx_database_accession 
_database_2.pdbx_DOI 
PDB   6UDR         pdb_00006udr 10.2210/pdb6udr/pdb 
WWPDB D_1000244445 ?            ?                   
# 
loop_
_pdbx_audit_revision_history.ordinal 
_pdbx_audit_revision_history.data_content_type 
_pdbx_audit_revision_history.major_revision 
_pdbx_audit_revision_history.minor_revision 
_pdbx_audit_revision_history.revision_date 
1 'Structure model' 1 0 2020-09-23 
2 'Structure model' 1 1 2020-12-02 
3 'Structure model' 1 2 2024-11-13 
# 
_pdbx_audit_revision_details.ordinal             1 
_pdbx_audit_revision_details.revision_ordinal    1 
_pdbx_audit_revision_details.data_content_type   'Structure model' 
_pdbx_audit_revision_details.provider            repository 
_pdbx_audit_revision_details.type                'Initial release' 
_pdbx_audit_revision_details.description         ? 
_pdbx_audit_revision_details.details             ? 
# 
loop_
_pdbx_audit_revision_group.ordinal 
_pdbx_audit_revision_group.revision_ordinal 
_pdbx_audit_revision_group.data_content_type 
_pdbx_audit_revision_group.group 
1 2 'Structure model' 'Database references' 
2 3 'Structure model' 'Data collection'     
3 3 'Structure model' 'Database references' 
4 3 'Structure model' 'Structure summary'   
# 
loop_
_pdbx_audit_revision_category.ordinal 
_pdbx_audit_revision_category.revision_ordinal 
_pdbx_audit_revision_category.data_content_type 
_pdbx_audit_revision_category.category 
1 2 'Structure model' citation                  
2 2 'Structure model' citation_author           
3 3 'Structure model' chem_comp_atom            
4 3 'Structure model' chem_comp_bond            
5 3 'Structure model' database_2                
6 3 'Structure model' pdbx_entry_details        
7 3 'Structure model' pdbx_modification_feature 
# 
loop_
_pdbx_audit_revision_item.ordinal 
_pdbx_audit_revision_item.revision_ordinal 
_pdbx_audit_revision_item.data_content_type 
_pdbx_audit_revision_item.item 
1  2 'Structure model' '_citation.country'                            
2  2 'Structure model' '_citation.journal_abbrev'                     
3  2 'Structure model' '_citation.journal_id_ASTM'                    
4  2 'Structure model' '_citation.journal_id_CSD'                     
5  2 'Structure model' '_citation.journal_id_ISSN'                    
6  2 'Structure model' '_citation.journal_volume'                     
7  2 'Structure model' '_citation.page_first'                         
8  2 'Structure model' '_citation.page_last'                          
9  2 'Structure model' '_citation.pdbx_database_id_DOI'               
10 2 'Structure model' '_citation.pdbx_database_id_PubMed'            
11 2 'Structure model' '_citation.title'                              
12 2 'Structure model' '_citation.year'                               
13 2 'Structure model' '_citation_author.identifier_ORCID'            
14 2 'Structure model' '_citation_author.name'                        
15 3 'Structure model' '_database_2.pdbx_DOI'                         
16 3 'Structure model' '_database_2.pdbx_database_accession'          
17 3 'Structure model' '_pdbx_entry_details.has_protein_modification' 
# 
_pdbx_database_status.status_code                     REL 
_pdbx_database_status.status_code_sf                  REL 
_pdbx_database_status.status_code_mr                  ? 
_pdbx_database_status.entry_id                        6UDR 
_pdbx_database_status.recvd_initial_deposition_date   2019-09-19 
_pdbx_database_status.SG_entry                        N 
_pdbx_database_status.deposit_site                    RCSB 
_pdbx_database_status.process_site                    RCSB 
_pdbx_database_status.status_code_cs                  ? 
_pdbx_database_status.methods_development_category    ? 
_pdbx_database_status.pdb_format_compatible           Y 
_pdbx_database_status.status_code_nmr_data            ? 
# 
loop_
_audit_author.name 
_audit_author.pdbx_ordinal 
_audit_author.identifier_ORCID 
'Mulligan, V.K.'  1 0000-0001-6038-8922 
'Kang, C.S.'      2 0000-0003-0959-0783 
'Antselovich, I.' 3 0000-0002-2208-9937 
'Sawaya, M.R.'    4 0000-0003-0874-9043 
'Yeates, T.O.'    5 0000-0001-5709-9839 
'Baker, D.'       6 0000-0001-7896-6217 
# 
_citation.abstract                  ? 
_citation.abstract_id_CAS           ? 
_citation.book_id_ISBN              ? 
_citation.book_publisher            ? 
_citation.book_publisher_city       ? 
_citation.book_title                ? 
_citation.coordinate_linkage        ? 
_citation.country                   US 
_citation.database_id_Medline       ? 
_citation.details                   ? 
_citation.id                        primary 
_citation.journal_abbrev            'Protein Sci.' 
_citation.journal_id_ASTM           PRCIEI 
_citation.journal_id_CSD            0795 
_citation.journal_id_ISSN           1469-896X 
_citation.journal_full              ? 
_citation.journal_issue             ? 
_citation.journal_volume            29 
_citation.language                  ? 
_citation.page_first                2433 
_citation.page_last                 2445 
_citation.title                     'Computational design of mixed chirality peptide macrocycles with internal symmetry.' 
_citation.year                      2020 
_citation.database_id_CSD           ? 
_citation.pdbx_database_id_DOI      10.1002/pro.3974 
_citation.pdbx_database_id_PubMed   33058266 
_citation.unpublished_flag          ? 
# 
loop_
_citation_author.citation_id 
_citation_author.name 
_citation_author.ordinal 
_citation_author.identifier_ORCID 
primary 'Mulligan, V.K.'  1  0000-0001-6038-8922 
primary 'Kang, C.S.'      2  0000-0003-0959-0783 
primary 'Sawaya, M.R.'    3  ?                   
primary 'Rettie, S.'      4  ?                   
primary 'Li, X.'          5  ?                   
primary 'Antselovich, I.' 6  ?                   
primary 'Craven, T.W.'    7  ?                   
primary 'Watkins, A.M.'   8  ?                   
primary 'Labonte, J.W.'   9  ?                   
primary 'DiMaio, F.'      10 ?                   
primary 'Yeates, T.O.'    11 0000-0001-5709-9839 
primary 'Baker, D.'       12 ?                   
# 
loop_
_entity.id 
_entity.type 
_entity.src_method 
_entity.pdbx_description 
_entity.formula_weight 
_entity.pdbx_number_of_molecules 
_entity.pdbx_ec 
_entity.pdbx_mutation 
_entity.pdbx_fragment 
_entity.details 
1 polymer syn 'S2-3, Lurch crystal form 1' 1215.273 1 ? ? ? ? 
2 water   nat water                        18.015   4 ? ? ? ? 
# 
_entity_poly.entity_id                      1 
_entity_poly.type                           'polypeptide(L)' 
_entity_poly.nstd_linkage                   no 
_entity_poly.nstd_monomer                   yes 
_entity_poly.pdbx_seq_one_letter_code       '(DGN)TRPDQ(DTH)(DAR)(DPR)(DAS)' 
_entity_poly.pdbx_seq_one_letter_code_can   QTRPDQTRPD 
_entity_poly.pdbx_strand_id                 A 
_entity_poly.pdbx_target_identifier         ? 
# 
_pdbx_entity_nonpoly.entity_id   2 
_pdbx_entity_nonpoly.name        water 
_pdbx_entity_nonpoly.comp_id     HOH 
# 
loop_
_entity_poly_seq.entity_id 
_entity_poly_seq.num 
_entity_poly_seq.mon_id 
_entity_poly_seq.hetero 
1 1  DGN n 
1 2  THR n 
1 3  ARG n 
1 4  PRO n 
1 5  ASP n 
1 6  GLN n 
1 7  DTH n 
1 8  DAR n 
1 9  DPR n 
1 10 DAS n 
# 
_pdbx_entity_src_syn.entity_id              1 
_pdbx_entity_src_syn.pdbx_src_id            1 
_pdbx_entity_src_syn.pdbx_alt_source_flag   sample 
_pdbx_entity_src_syn.pdbx_beg_seq_num       ? 
_pdbx_entity_src_syn.pdbx_end_seq_num       ? 
_pdbx_entity_src_syn.organism_scientific    'synthetic construct' 
_pdbx_entity_src_syn.organism_common_name   ? 
_pdbx_entity_src_syn.ncbi_taxonomy_id       32630 
_pdbx_entity_src_syn.details                ? 
# 
loop_
_chem_comp.id 
_chem_comp.type 
_chem_comp.mon_nstd_flag 
_chem_comp.name 
_chem_comp.pdbx_synonyms 
_chem_comp.formula 
_chem_comp.formula_weight 
ARG 'L-peptide linking' y ARGININE          ? 'C6 H15 N4 O2 1' 175.209 
ASP 'L-peptide linking' y 'ASPARTIC ACID'   ? 'C4 H7 N O4'     133.103 
DAR 'D-peptide linking' . D-ARGININE        ? 'C6 H15 N4 O2 1' 175.209 
DAS 'D-peptide linking' . 'D-ASPARTIC ACID' ? 'C4 H7 N O4'     133.103 
DGN 'D-peptide linking' . D-GLUTAMINE       ? 'C5 H10 N2 O3'   146.144 
DPR 'D-peptide linking' . D-PROLINE         ? 'C5 H9 N O2'     115.130 
DTH 'D-peptide linking' . D-THREONINE       ? 'C4 H9 N O3'     119.119 
GLN 'L-peptide linking' y GLUTAMINE         ? 'C5 H10 N2 O3'   146.144 
HOH non-polymer         . WATER             ? 'H2 O'           18.015  
PRO 'L-peptide linking' y PROLINE           ? 'C5 H9 N O2'     115.130 
THR 'L-peptide linking' y THREONINE         ? 'C4 H9 N O3'     119.119 
# 
loop_
_pdbx_poly_seq_scheme.asym_id 
_pdbx_poly_seq_scheme.entity_id 
_pdbx_poly_seq_scheme.seq_id 
_pdbx_poly_seq_scheme.mon_id 
_pdbx_poly_seq_scheme.ndb_seq_num 
_pdbx_poly_seq_scheme.pdb_seq_num 
_pdbx_poly_seq_scheme.auth_seq_num 
_pdbx_poly_seq_scheme.pdb_mon_id 
_pdbx_poly_seq_scheme.auth_mon_id 
_pdbx_poly_seq_scheme.pdb_strand_id 
_pdbx_poly_seq_scheme.pdb_ins_code 
_pdbx_poly_seq_scheme.hetero 
A 1 1  DGN 1  1  1 DGN DGN A . n 
A 1 2  THR 2  2  2 THR THR A . n 
A 1 3  ARG 3  3  3 ARG ARG A . n 
A 1 4  PRO 4  4  4 PRO PRO A . n 
A 1 5  ASP 5  5  5 ASP ASP A . n 
A 1 6  GLN 6  6  ? ?   ?   A . n 
A 1 7  DTH 7  7  ? ?   ?   A . n 
A 1 8  DAR 8  8  ? ?   ?   A . n 
A 1 9  DPR 9  9  ? ?   ?   A . n 
A 1 10 DAS 10 10 ? ?   ?   A . n 
# 
loop_
_pdbx_nonpoly_scheme.asym_id 
_pdbx_nonpoly_scheme.entity_id 
_pdbx_nonpoly_scheme.mon_id 
_pdbx_nonpoly_scheme.ndb_seq_num 
_pdbx_nonpoly_scheme.pdb_seq_num 
_pdbx_nonpoly_scheme.auth_seq_num 
_pdbx_nonpoly_scheme.pdb_mon_id 
_pdbx_nonpoly_scheme.auth_mon_id 
_pdbx_nonpoly_scheme.pdb_strand_id 
_pdbx_nonpoly_scheme.pdb_ins_code 
B 2 HOH 1 101 14 HOH HOH A . 
B 2 HOH 2 102 11 HOH HOH A . 
B 2 HOH 3 103 13 HOH HOH A . 
B 2 HOH 4 104 12 HOH HOH A . 
# 
loop_
_software.citation_id 
_software.classification 
_software.compiler_name 
_software.compiler_version 
_software.contact_author 
_software.contact_author_email 
_software.date 
_software.description 
_software.dependencies 
_software.hardware 
_software.language 
_software.location 
_software.mods 
_software.name 
_software.os 
_software.os_version 
_software.type 
_software.version 
_software.pdbx_ordinal 
? 'data reduction'  ? ? ? ? ? ? ? ? ? ? ? XDS         ? ? ? 20180126 1 
? 'data scaling'    ? ? ? ? ? ? ? ? ? ? ? Aimless     ? ? ? 0.7.1    2 
? refinement        ? ? ? ? ? ? ? ? ? ? ? PHENIX      ? ? ? v1.16    3 
? 'data extraction' ? ? ? ? ? ? ? ? ? ? ? PDB_EXTRACT ? ? ? 3.25     4 
? phasing           ? ? ? ? ? ? ? ? ? ? ? SHELXT      ? ? ? .        5 
# 
_cell.angle_alpha                  104.177 
_cell.angle_alpha_esd              ? 
_cell.angle_beta                   103.843 
_cell.angle_beta_esd               ? 
_cell.angle_gamma                  116.298 
_cell.angle_gamma_esd              ? 
_cell.entry_id                     6UDR 
_cell.details                      ? 
_cell.formula_units_Z              ? 
_cell.length_a                     11.750 
_cell.length_a_esd                 ? 
_cell.length_b                     12.930 
_cell.length_b_esd                 ? 
_cell.length_c                     12.970 
_cell.length_c_esd                 ? 
_cell.volume                       1569.686 
_cell.volume_esd                   ? 
_cell.Z_PDB                        2 
_cell.reciprocal_angle_alpha       ? 
_cell.reciprocal_angle_beta        ? 
_cell.reciprocal_angle_gamma       ? 
_cell.reciprocal_angle_alpha_esd   ? 
_cell.reciprocal_angle_beta_esd    ? 
_cell.reciprocal_angle_gamma_esd   ? 
_cell.reciprocal_length_a          ? 
_cell.reciprocal_length_b          ? 
_cell.reciprocal_length_c          ? 
_cell.reciprocal_length_a_esd      ? 
_cell.reciprocal_length_b_esd      ? 
_cell.reciprocal_length_c_esd      ? 
_cell.pdbx_unique_axis             ? 
# 
_symmetry.entry_id                         6UDR 
_symmetry.cell_setting                     ? 
_symmetry.Int_Tables_number                2 
_symmetry.space_group_name_Hall            '-P 1' 
_symmetry.space_group_name_H-M             'P -1' 
_symmetry.pdbx_full_space_group_name_H-M   ? 
# 
_exptl.absorpt_coefficient_mu     ? 
_exptl.absorpt_correction_T_max   ? 
_exptl.absorpt_correction_T_min   ? 
_exptl.absorpt_correction_type    ? 
_exptl.absorpt_process_details    ? 
_exptl.entry_id                   6UDR 
_exptl.crystals_number            1 
_exptl.details                    ? 
_exptl.method                     'X-RAY DIFFRACTION' 
_exptl.method_details             ? 
# 
_exptl_crystal.colour                      ? 
_exptl_crystal.density_diffrn              ? 
_exptl_crystal.density_Matthews            ? 
_exptl_crystal.density_method              ? 
_exptl_crystal.density_percent_sol         ? 
_exptl_crystal.description                 ? 
_exptl_crystal.F_000                       ? 
_exptl_crystal.id                          1 
_exptl_crystal.preparation                 ? 
_exptl_crystal.size_max                    ? 
_exptl_crystal.size_mid                    ? 
_exptl_crystal.size_min                    ? 
_exptl_crystal.size_rad                    ? 
_exptl_crystal.colour_lustre               ? 
_exptl_crystal.colour_modifier             ? 
_exptl_crystal.colour_primary              ? 
_exptl_crystal.density_meas                ? 
_exptl_crystal.density_meas_esd            ? 
_exptl_crystal.density_meas_gt             ? 
_exptl_crystal.density_meas_lt             ? 
_exptl_crystal.density_meas_temp           ? 
_exptl_crystal.density_meas_temp_esd       ? 
_exptl_crystal.density_meas_temp_gt        ? 
_exptl_crystal.density_meas_temp_lt        ? 
_exptl_crystal.pdbx_crystal_image_url      ? 
_exptl_crystal.pdbx_crystal_image_format   ? 
_exptl_crystal.pdbx_mosaicity              0.000 
_exptl_crystal.pdbx_mosaicity_esd          ? 
# 
_exptl_crystal_grow.apparatus       ? 
_exptl_crystal_grow.atmosphere      ? 
_exptl_crystal_grow.crystal_id      1 
_exptl_crystal_grow.details         ? 
_exptl_crystal_grow.method          'VAPOR DIFFUSION, HANGING DROP' 
_exptl_crystal_grow.method_ref      ? 
_exptl_crystal_grow.pH              6.5 
_exptl_crystal_grow.pressure        ? 
_exptl_crystal_grow.pressure_esd    ? 
_exptl_crystal_grow.seeding         ? 
_exptl_crystal_grow.seeding_ref     ? 
_exptl_crystal_grow.temp            298 
_exptl_crystal_grow.temp_details    ? 
_exptl_crystal_grow.temp_esd        ? 
_exptl_crystal_grow.time            ? 
_exptl_crystal_grow.pdbx_details    '1.6 M trisodium citrate, pH 6.5' 
_exptl_crystal_grow.pdbx_pH_range   ? 
# 
_diffrn.ambient_environment              ? 
_diffrn.ambient_temp                     100 
_diffrn.ambient_temp_details             ? 
_diffrn.ambient_temp_esd                 ? 
_diffrn.crystal_id                       1 
_diffrn.crystal_support                  ? 
_diffrn.crystal_treatment                ? 
_diffrn.details                          ? 
_diffrn.id                               1 
_diffrn.ambient_pressure                 ? 
_diffrn.ambient_pressure_esd             ? 
_diffrn.ambient_pressure_gt              ? 
_diffrn.ambient_pressure_lt              ? 
_diffrn.ambient_temp_gt                  ? 
_diffrn.ambient_temp_lt                  ? 
_diffrn.pdbx_serial_crystal_experiment   N 
# 
_diffrn_detector.details                      ? 
_diffrn_detector.detector                     PIXEL 
_diffrn_detector.diffrn_id                    1 
_diffrn_detector.type                         'DECTRIS EIGER X 16M' 
_diffrn_detector.area_resol_mean              ? 
_diffrn_detector.dtime                        ? 
_diffrn_detector.pdbx_frames_total            ? 
_diffrn_detector.pdbx_collection_time_total   ? 
_diffrn_detector.pdbx_collection_date         2018-03-22 
_diffrn_detector.pdbx_frequency               ? 
# 
_diffrn_radiation.collimation                      ? 
_diffrn_radiation.diffrn_id                        1 
_diffrn_radiation.filter_edge                      ? 
_diffrn_radiation.inhomogeneity                    ? 
_diffrn_radiation.monochromator                    'Si (111)' 
_diffrn_radiation.polarisn_norm                    ? 
_diffrn_radiation.polarisn_ratio                   ? 
_diffrn_radiation.probe                            ? 
_diffrn_radiation.type                             ? 
_diffrn_radiation.xray_symbol                      ? 
_diffrn_radiation.wavelength_id                    1 
_diffrn_radiation.pdbx_monochromatic_or_laue_m_l   M 
_diffrn_radiation.pdbx_wavelength_list             ? 
_diffrn_radiation.pdbx_wavelength                  ? 
_diffrn_radiation.pdbx_diffrn_protocol             'SINGLE WAVELENGTH' 
_diffrn_radiation.pdbx_analyzer                    ? 
_diffrn_radiation.pdbx_scattering_type             x-ray 
# 
_diffrn_radiation_wavelength.id           1 
_diffrn_radiation_wavelength.wavelength   0.9792 
_diffrn_radiation_wavelength.wt           1.0 
# 
_diffrn_source.current                     ? 
_diffrn_source.details                     ? 
_diffrn_source.diffrn_id                   1 
_diffrn_source.power                       ? 
_diffrn_source.size                        ? 
_diffrn_source.source                      SYNCHROTRON 
_diffrn_source.target                      ? 
_diffrn_source.type                        'APS BEAMLINE 24-ID-E' 
_diffrn_source.voltage                     ? 
_diffrn_source.take-off_angle              ? 
_diffrn_source.pdbx_wavelength_list        0.9792 
_diffrn_source.pdbx_wavelength             ? 
_diffrn_source.pdbx_synchrotron_beamline   24-ID-E 
_diffrn_source.pdbx_synchrotron_site       APS 
# 
_reflns.B_iso_Wilson_estimate            ? 
_reflns.entry_id                         6UDR 
_reflns.data_reduction_details           ? 
_reflns.data_reduction_method            ? 
_reflns.d_resolution_high                1.00 
_reflns.d_resolution_low                 11.520 
_reflns.details                          ? 
_reflns.limit_h_max                      ? 
_reflns.limit_h_min                      ? 
_reflns.limit_k_max                      ? 
_reflns.limit_k_min                      ? 
_reflns.limit_l_max                      ? 
_reflns.limit_l_min                      ? 
_reflns.number_all                       ? 
_reflns.number_obs                       2461 
_reflns.observed_criterion               ? 
_reflns.observed_criterion_F_max         ? 
_reflns.observed_criterion_F_min         ? 
_reflns.observed_criterion_I_max         ? 
_reflns.observed_criterion_I_min         ? 
_reflns.observed_criterion_sigma_F       ? 
_reflns.observed_criterion_sigma_I       ? 
_reflns.percent_possible_obs             75.000 
_reflns.R_free_details                   ? 
_reflns.Rmerge_F_all                     ? 
_reflns.Rmerge_F_obs                     ? 
_reflns.Friedel_coverage                 ? 
_reflns.number_gt                        ? 
_reflns.threshold_expression             ? 
_reflns.pdbx_redundancy                  3.500 
_reflns.pdbx_Rmerge_I_obs                0.127 
_reflns.pdbx_Rmerge_I_all                ? 
_reflns.pdbx_Rsym_value                  ? 
_reflns.pdbx_netI_over_av_sigmaI         ? 
_reflns.pdbx_netI_over_sigmaI            9.500 
_reflns.pdbx_res_netI_over_av_sigmaI_2   ? 
_reflns.pdbx_res_netI_over_sigmaI_2      ? 
_reflns.pdbx_chi_squared                 ? 
_reflns.pdbx_scaling_rejects             ? 
_reflns.pdbx_d_res_high_opt              ? 
_reflns.pdbx_d_res_low_opt               ? 
_reflns.pdbx_d_res_opt_method            ? 
_reflns.phase_calculation_details        ? 
_reflns.pdbx_Rrim_I_all                  0.151 
_reflns.pdbx_Rpim_I_all                  0.080 
_reflns.pdbx_d_opt                       ? 
_reflns.pdbx_number_measured_all         ? 
_reflns.pdbx_diffrn_id                   1 
_reflns.pdbx_ordinal                     1 
_reflns.pdbx_CC_half                     0.985 
_reflns.pdbx_R_split                     ? 
_reflns.pdbx_CC_star                     ? 
# 
_reflns_shell.d_res_high                  1.050 
_reflns_shell.d_res_low                   1.170 
_reflns_shell.meanI_over_sigI_all         ? 
_reflns_shell.meanI_over_sigI_obs         ? 
_reflns_shell.number_measured_all         1742 
_reflns_shell.number_measured_obs         ? 
_reflns_shell.number_possible             ? 
_reflns_shell.number_unique_all           ? 
_reflns_shell.number_unique_obs           515 
_reflns_shell.percent_possible_all        62.000 
_reflns_shell.percent_possible_obs        ? 
_reflns_shell.Rmerge_F_all                ? 
_reflns_shell.Rmerge_F_obs                ? 
_reflns_shell.Rmerge_I_all                ? 
_reflns_shell.Rmerge_I_obs                0.145 
_reflns_shell.meanI_over_sigI_gt          ? 
_reflns_shell.meanI_over_uI_all           ? 
_reflns_shell.meanI_over_uI_gt            ? 
_reflns_shell.number_measured_gt          ? 
_reflns_shell.number_unique_gt            ? 
_reflns_shell.percent_possible_gt         ? 
_reflns_shell.Rmerge_F_gt                 ? 
_reflns_shell.Rmerge_I_gt                 ? 
_reflns_shell.pdbx_redundancy             3.400 
_reflns_shell.pdbx_Rsym_value             ? 
_reflns_shell.pdbx_chi_squared            ? 
_reflns_shell.pdbx_netI_over_sigmaI_all   ? 
_reflns_shell.pdbx_netI_over_sigmaI_obs   8.000 
_reflns_shell.pdbx_Rrim_I_all             0.175 
_reflns_shell.pdbx_Rpim_I_all             0.095 
_reflns_shell.pdbx_rejects                ? 
_reflns_shell.pdbx_ordinal                1 
_reflns_shell.pdbx_diffrn_id              1 
_reflns_shell.pdbx_CC_half                0.961 
_reflns_shell.pdbx_R_split                ? 
_reflns_shell.pdbx_CC_star                ? 
# 
_refine.aniso_B[1][1]                            ? 
_refine.aniso_B[1][2]                            ? 
_refine.aniso_B[1][3]                            ? 
_refine.aniso_B[2][2]                            ? 
_refine.aniso_B[2][3]                            ? 
_refine.aniso_B[3][3]                            ? 
_refine.B_iso_max                                ? 
_refine.B_iso_mean                               1.44 
_refine.B_iso_min                                ? 
_refine.correlation_coeff_Fo_to_Fc               ? 
_refine.correlation_coeff_Fo_to_Fc_free          ? 
_refine.details                                  ? 
_refine.diff_density_max                         ? 
_refine.diff_density_max_esd                     ? 
_refine.diff_density_min                         ? 
_refine.diff_density_min_esd                     ? 
_refine.diff_density_rms                         ? 
_refine.diff_density_rms_esd                     ? 
_refine.entry_id                                 6UDR 
_refine.pdbx_refine_id                           'X-RAY DIFFRACTION' 
_refine.ls_abs_structure_details                 ? 
_refine.ls_abs_structure_Flack                   ? 
_refine.ls_abs_structure_Flack_esd               ? 
_refine.ls_abs_structure_Rogers                  ? 
_refine.ls_abs_structure_Rogers_esd              ? 
_refine.ls_d_res_high                            1.00 
_refine.ls_d_res_low                             11.52 
_refine.ls_extinction_coef                       ? 
_refine.ls_extinction_coef_esd                   ? 
_refine.ls_extinction_expression                 ? 
_refine.ls_extinction_method                     ? 
_refine.ls_goodness_of_fit_all                   ? 
_refine.ls_goodness_of_fit_all_esd               ? 
_refine.ls_goodness_of_fit_obs                   ? 
_refine.ls_goodness_of_fit_obs_esd               ? 
_refine.ls_hydrogen_treatment                    ? 
_refine.ls_matrix_type                           ? 
_refine.ls_number_constraints                    ? 
_refine.ls_number_parameters                     ? 
_refine.ls_number_reflns_all                     ? 
_refine.ls_number_reflns_obs                     2460 
_refine.ls_number_reflns_R_free                  246 
_refine.ls_number_reflns_R_work                  ? 
_refine.ls_number_restraints                     ? 
_refine.ls_percent_reflns_obs                    75.44 
_refine.ls_percent_reflns_R_free                 10.00 
_refine.ls_R_factor_all                          ? 
_refine.ls_R_factor_obs                          0.0768 
_refine.ls_R_factor_R_free                       0.0919 
_refine.ls_R_factor_R_free_error                 ? 
_refine.ls_R_factor_R_free_error_details         ? 
_refine.ls_R_factor_R_work                       0.0751 
_refine.ls_R_Fsqd_factor_obs                     ? 
_refine.ls_R_I_factor_obs                        ? 
_refine.ls_redundancy_reflns_all                 ? 
_refine.ls_redundancy_reflns_obs                 ? 
_refine.ls_restrained_S_all                      ? 
_refine.ls_restrained_S_obs                      ? 
_refine.ls_shift_over_esd_max                    ? 
_refine.ls_shift_over_esd_mean                   ? 
_refine.ls_structure_factor_coef                 ? 
_refine.ls_weighting_details                     ? 
_refine.ls_weighting_scheme                      ? 
_refine.ls_wR_factor_all                         ? 
_refine.ls_wR_factor_obs                         ? 
_refine.ls_wR_factor_R_free                      ? 
_refine.ls_wR_factor_R_work                      ? 
_refine.occupancy_max                            ? 
_refine.occupancy_min                            ? 
_refine.solvent_model_details                    ? 
_refine.solvent_model_param_bsol                 ? 
_refine.solvent_model_param_ksol                 ? 
_refine.ls_R_factor_gt                           ? 
_refine.ls_goodness_of_fit_gt                    ? 
_refine.ls_goodness_of_fit_ref                   ? 
_refine.ls_shift_over_su_max                     ? 
_refine.ls_shift_over_su_max_lt                  ? 
_refine.ls_shift_over_su_mean                    ? 
_refine.ls_shift_over_su_mean_lt                 ? 
_refine.pdbx_ls_sigma_I                          ? 
_refine.pdbx_ls_sigma_F                          2.19 
_refine.pdbx_ls_sigma_Fsqd                       ? 
_refine.pdbx_data_cutoff_high_absF               ? 
_refine.pdbx_data_cutoff_high_rms_absF           ? 
_refine.pdbx_data_cutoff_low_absF                ? 
_refine.pdbx_isotropic_thermal_model             ? 
_refine.pdbx_ls_cross_valid_method               'FREE R-VALUE' 
_refine.pdbx_method_to_determine_struct          'AB INITIO PHASING' 
_refine.pdbx_starting_model                      ? 
_refine.pdbx_stereochemistry_target_values       ? 
_refine.pdbx_R_Free_selection_details            ? 
_refine.pdbx_stereochem_target_val_spec_case     ? 
_refine.pdbx_overall_ESU_R                       ? 
_refine.pdbx_overall_ESU_R_Free                  ? 
_refine.pdbx_solvent_vdw_probe_radii             1.1100 
_refine.pdbx_solvent_ion_probe_radii             ? 
_refine.pdbx_solvent_shrinkage_radii             0.9000 
_refine.pdbx_real_space_R                        ? 
_refine.pdbx_density_correlation                 ? 
_refine.pdbx_pd_number_of_powder_patterns        ? 
_refine.pdbx_pd_number_of_points                 ? 
_refine.pdbx_pd_meas_number_of_points            ? 
_refine.pdbx_pd_proc_ls_prof_R_factor            ? 
_refine.pdbx_pd_proc_ls_prof_wR_factor           ? 
_refine.pdbx_pd_Marquardt_correlation_coeff      ? 
_refine.pdbx_pd_Fsqrd_R_factor                   ? 
_refine.pdbx_pd_ls_matrix_band_width             ? 
_refine.pdbx_overall_phase_error                 7.6413 
_refine.pdbx_overall_SU_R_free_Cruickshank_DPI   ? 
_refine.pdbx_overall_SU_R_free_Blow_DPI          ? 
_refine.pdbx_overall_SU_R_Blow_DPI               ? 
_refine.pdbx_TLS_residual_ADP_flag               ? 
_refine.pdbx_diffrn_id                           1 
_refine.overall_SU_B                             ? 
_refine.overall_SU_ML                            0.0451 
_refine.overall_SU_R_Cruickshank_DPI             ? 
_refine.overall_SU_R_free                        ? 
_refine.overall_FOM_free_R_set                   ? 
_refine.overall_FOM_work_R_set                   ? 
_refine.pdbx_average_fsc_overall                 ? 
_refine.pdbx_average_fsc_work                    ? 
_refine.pdbx_average_fsc_free                    ? 
# 
_refine_hist.pdbx_refine_id                   'X-RAY DIFFRACTION' 
_refine_hist.cycle_id                         LAST 
_refine_hist.details                          ? 
_refine_hist.d_res_high                       1.00 
_refine_hist.d_res_low                        11.52 
_refine_hist.number_atoms_solvent             4 
_refine_hist.number_atoms_total               46 
_refine_hist.number_reflns_all                ? 
_refine_hist.number_reflns_obs                ? 
_refine_hist.number_reflns_R_free             ? 
_refine_hist.number_reflns_R_work             ? 
_refine_hist.R_factor_all                     ? 
_refine_hist.R_factor_obs                     ? 
_refine_hist.R_factor_R_free                  ? 
_refine_hist.R_factor_R_work                  ? 
_refine_hist.pdbx_number_residues_total       ? 
_refine_hist.pdbx_B_iso_mean_ligand           ? 
_refine_hist.pdbx_B_iso_mean_solvent          ? 
_refine_hist.pdbx_number_atoms_protein        42 
_refine_hist.pdbx_number_atoms_nucleic_acid   0 
_refine_hist.pdbx_number_atoms_ligand         0 
_refine_hist.pdbx_number_atoms_lipid          ? 
_refine_hist.pdbx_number_atoms_carb           ? 
_refine_hist.pdbx_pseudo_atom_details         ? 
# 
loop_
_refine_ls_restr.pdbx_refine_id 
_refine_ls_restr.criterion 
_refine_ls_restr.dev_ideal 
_refine_ls_restr.dev_ideal_target 
_refine_ls_restr.number 
_refine_ls_restr.rejects 
_refine_ls_restr.type 
_refine_ls_restr.weight 
_refine_ls_restr.pdbx_restraint_function 
'X-RAY DIFFRACTION' ? 0.0129  ? 42 ? f_bond_d           ? ? 
'X-RAY DIFFRACTION' ? 1.5468  ? 56 ? f_angle_d          ? ? 
'X-RAY DIFFRACTION' ? 0.1614  ? 6  ? f_chiral_restr     ? ? 
'X-RAY DIFFRACTION' ? 0.0209  ? 8  ? f_plane_restr      ? ? 
'X-RAY DIFFRACTION' ? 14.3520 ? 18 ? f_dihedral_angle_d ? ? 
# 
loop_
_refine_ls_shell.pdbx_refine_id 
_refine_ls_shell.d_res_high 
_refine_ls_shell.d_res_low 
_refine_ls_shell.number_reflns_all 
_refine_ls_shell.number_reflns_obs 
_refine_ls_shell.number_reflns_R_free 
_refine_ls_shell.number_reflns_R_work 
_refine_ls_shell.percent_reflns_obs 
_refine_ls_shell.percent_reflns_R_free 
_refine_ls_shell.R_factor_all 
_refine_ls_shell.R_factor_obs 
_refine_ls_shell.R_factor_R_free 
_refine_ls_shell.R_factor_R_free_error 
_refine_ls_shell.R_factor_R_work 
_refine_ls_shell.redundancy_reflns_all 
_refine_ls_shell.redundancy_reflns_obs 
_refine_ls_shell.wR_factor_all 
_refine_ls_shell.wR_factor_obs 
_refine_ls_shell.wR_factor_R_free 
_refine_ls_shell.wR_factor_R_work 
_refine_ls_shell.pdbx_total_number_of_bins_used 
_refine_ls_shell.pdbx_phase_error 
_refine_ls_shell.pdbx_fsc_work 
_refine_ls_shell.pdbx_fsc_free 
'X-RAY DIFFRACTION' 1.00 1.26  . . 92  834  57.20 . . . 0.0932 . 0.0707 . . . . . . . . . . 
'X-RAY DIFFRACTION' 1.26 11.52 . . 154 1380 93.48 . . . 0.0913 . 0.0770 . . . . . . . . . . 
# 
_struct.entry_id                     6UDR 
_struct.title                        'S2 symmetric peptide design number 3 crystal form 1, Lurch' 
_struct.pdbx_model_details           'S2 symmetric cyclic peptide' 
_struct.pdbx_formula_weight          ? 
_struct.pdbx_formula_weight_method   ? 
_struct.pdbx_model_type_details      ? 
_struct.pdbx_CASP_flag               N 
# 
_struct_keywords.entry_id        6UDR 
_struct_keywords.text            'cyclic peptide, centrosymmetric macrocycle, L and D-amino acids, DE NOVO PROTEIN' 
_struct_keywords.pdbx_keywords   'DE NOVO PROTEIN' 
# 
loop_
_struct_asym.id 
_struct_asym.pdbx_blank_PDB_chainid_flag 
_struct_asym.pdbx_modified 
_struct_asym.entity_id 
_struct_asym.details 
A N N 1 ? 
B N N 2 ? 
# 
_struct_ref.id                         1 
_struct_ref.db_name                    PDB 
_struct_ref.db_code                    6UDR 
_struct_ref.pdbx_db_accession          6UDR 
_struct_ref.pdbx_db_isoform            ? 
_struct_ref.entity_id                  1 
_struct_ref.pdbx_seq_one_letter_code   ? 
_struct_ref.pdbx_align_begin           1 
# 
_struct_ref_seq.align_id                      1 
_struct_ref_seq.ref_id                        1 
_struct_ref_seq.pdbx_PDB_id_code              6UDR 
_struct_ref_seq.pdbx_strand_id                A 
_struct_ref_seq.seq_align_beg                 1 
_struct_ref_seq.pdbx_seq_align_beg_ins_code   ? 
_struct_ref_seq.seq_align_end                 10 
_struct_ref_seq.pdbx_seq_align_end_ins_code   ? 
_struct_ref_seq.pdbx_db_accession             6UDR 
_struct_ref_seq.db_align_beg                  1 
_struct_ref_seq.pdbx_db_align_beg_ins_code    ? 
_struct_ref_seq.db_align_end                  10 
_struct_ref_seq.pdbx_db_align_end_ins_code    ? 
_struct_ref_seq.pdbx_auth_seq_align_beg       1 
_struct_ref_seq.pdbx_auth_seq_align_end       10 
# 
_pdbx_struct_assembly.id                   1 
_pdbx_struct_assembly.details              author_defined_assembly 
_pdbx_struct_assembly.method_details       ? 
_pdbx_struct_assembly.oligomeric_details   dimeric 
_pdbx_struct_assembly.oligomeric_count     2 
# 
loop_
_pdbx_struct_assembly_gen.assembly_id 
_pdbx_struct_assembly_gen.oper_expression 
_pdbx_struct_assembly_gen.asym_id_list 
1 1 A,B 
1 2 A,B 
# 
_pdbx_struct_assembly_auth_evidence.id                     1 
_pdbx_struct_assembly_auth_evidence.assembly_id            1 
_pdbx_struct_assembly_auth_evidence.experimental_support   none 
_pdbx_struct_assembly_auth_evidence.details                ? 
# 
loop_
_pdbx_struct_oper_list.id 
_pdbx_struct_oper_list.type 
_pdbx_struct_oper_list.name 
_pdbx_struct_oper_list.symmetry_operation 
_pdbx_struct_oper_list.matrix[1][1] 
_pdbx_struct_oper_list.matrix[1][2] 
_pdbx_struct_oper_list.matrix[1][3] 
_pdbx_struct_oper_list.vector[1] 
_pdbx_struct_oper_list.matrix[2][1] 
_pdbx_struct_oper_list.matrix[2][2] 
_pdbx_struct_oper_list.matrix[2][3] 
_pdbx_struct_oper_list.vector[2] 
_pdbx_struct_oper_list.matrix[3][1] 
_pdbx_struct_oper_list.matrix[3][2] 
_pdbx_struct_oper_list.matrix[3][3] 
_pdbx_struct_oper_list.vector[3] 
1 'identity operation'         1_555 x,y,z    1.0000000000  0.0000000000 0.0000000000 0.0000000000  0.0000000000 1.0000000000  0.0000000000 0.0000000000 0.0000000000 0.0000000000 1.0000000000  0.0000000000  
2 'crystal symmetry operation' 2_555 -x,-y,-z -1.0000000000 0.0000000000 0.0000000000 -0.6374622647 0.0000000000 -1.0000000000 0.0000000000 2.9038753355 0.0000000000 0.0000000000 -1.0000000000 -2.7878614558 
# 
loop_
_struct_conn.id 
_struct_conn.conn_type_id 
_struct_conn.pdbx_leaving_atom_flag 
_struct_conn.pdbx_PDB_id 
_struct_conn.ptnr1_label_asym_id 
_struct_conn.ptnr1_label_comp_id 
_struct_conn.ptnr1_label_seq_id 
_struct_conn.ptnr1_label_atom_id 
_struct_conn.pdbx_ptnr1_label_alt_id 
_struct_conn.pdbx_ptnr1_PDB_ins_code 
_struct_conn.pdbx_ptnr1_standard_comp_id 
_struct_conn.ptnr1_symmetry 
_struct_conn.ptnr2_label_asym_id 
_struct_conn.ptnr2_label_comp_id 
_struct_conn.ptnr2_label_seq_id 
_struct_conn.ptnr2_label_atom_id 
_struct_conn.pdbx_ptnr2_label_alt_id 
_struct_conn.pdbx_ptnr2_PDB_ins_code 
_struct_conn.ptnr1_auth_asym_id 
_struct_conn.ptnr1_auth_comp_id 
_struct_conn.ptnr1_auth_seq_id 
_struct_conn.ptnr2_auth_asym_id 
_struct_conn.ptnr2_auth_comp_id 
_struct_conn.ptnr2_auth_seq_id 
_struct_conn.ptnr2_symmetry 
_struct_conn.pdbx_ptnr3_label_atom_id 
_struct_conn.pdbx_ptnr3_label_seq_id 
_struct_conn.pdbx_ptnr3_label_comp_id 
_struct_conn.pdbx_ptnr3_label_asym_id 
_struct_conn.pdbx_ptnr3_label_alt_id 
_struct_conn.pdbx_ptnr3_PDB_ins_code 
_struct_conn.details 
_struct_conn.pdbx_dist_value 
_struct_conn.pdbx_value_order 
_struct_conn.pdbx_role 
covale1 covale both ? A DGN 1 C ? ? ? 1_555 A THR 2 N ? ? A DGN 1 A THR 2 1_555 ? ? ? ? ? ? ? 1.330 ? ? 
covale2 covale both ? A DGN 1 N ? ? ? 1_555 A ASP 5 C ? ? A DGN 1 A ASP 5 2_555 ? ? ? ? ? ? ? 1.329 ? ? 
# 
_struct_conn_type.id          covale 
_struct_conn_type.criteria    ? 
_struct_conn_type.reference   ? 
# 
_pdbx_modification_feature.ordinal                            1 
_pdbx_modification_feature.label_comp_id                      DGN 
_pdbx_modification_feature.label_asym_id                      A 
_pdbx_modification_feature.label_seq_id                       1 
_pdbx_modification_feature.label_alt_id                       ? 
_pdbx_modification_feature.modified_residue_label_comp_id     ASP 
_pdbx_modification_feature.modified_residue_label_asym_id     A 
_pdbx_modification_feature.modified_residue_label_seq_id      5 
_pdbx_modification_feature.modified_residue_label_alt_id      ? 
_pdbx_modification_feature.auth_comp_id                       DGN 
_pdbx_modification_feature.auth_asym_id                       A 
_pdbx_modification_feature.auth_seq_id                        1 
_pdbx_modification_feature.PDB_ins_code                       ? 
_pdbx_modification_feature.symmetry                           1_555 
_pdbx_modification_feature.modified_residue_auth_comp_id      ASP 
_pdbx_modification_feature.modified_residue_auth_asym_id      A 
_pdbx_modification_feature.modified_residue_auth_seq_id       5 
_pdbx_modification_feature.modified_residue_PDB_ins_code      ? 
_pdbx_modification_feature.modified_residue_symmetry          2_555 
_pdbx_modification_feature.comp_id_linking_atom               N 
_pdbx_modification_feature.modified_residue_id_linking_atom   C 
_pdbx_modification_feature.modified_residue_id                . 
_pdbx_modification_feature.ref_pcm_id                         . 
_pdbx_modification_feature.ref_comp_id                        . 
_pdbx_modification_feature.type                               None 
_pdbx_modification_feature.category                           'Non-standard linkage' 
# 
_pdbx_entry_details.entry_id                   6UDR 
_pdbx_entry_details.has_ligand_of_interest     N 
_pdbx_entry_details.compound_details           
'Crystallographic symmetry operator -x,-y,-z generates the C-terminal half of the cyclic peptide Q(DTH)(DAR)(DPR)(DAS)' 
_pdbx_entry_details.source_details             ? 
_pdbx_entry_details.nonpolymer_details         ? 
_pdbx_entry_details.sequence_details           ? 
_pdbx_entry_details.has_protein_modification   Y 
# 
loop_
_space_group_symop.id 
_space_group_symop.operation_xyz 
1 x,y,z    
2 -x,-y,-z 
# 
loop_
_pdbx_unobs_or_zero_occ_residues.id 
_pdbx_unobs_or_zero_occ_residues.PDB_model_num 
_pdbx_unobs_or_zero_occ_residues.polymer_flag 
_pdbx_unobs_or_zero_occ_residues.occupancy_flag 
_pdbx_unobs_or_zero_occ_residues.auth_asym_id 
_pdbx_unobs_or_zero_occ_residues.auth_comp_id 
_pdbx_unobs_or_zero_occ_residues.auth_seq_id 
_pdbx_unobs_or_zero_occ_residues.PDB_ins_code 
_pdbx_unobs_or_zero_occ_residues.label_asym_id 
_pdbx_unobs_or_zero_occ_residues.label_comp_id 
_pdbx_unobs_or_zero_occ_residues.label_seq_id 
1 1 Y 1 A GLN 6  ? A GLN 6  
2 1 Y 1 A DTH 7  ? A DTH 7  
3 1 Y 1 A DAR 8  ? A DAR 8  
4 1 Y 1 A DPR 9  ? A DPR 9  
5 1 Y 1 A DAS 10 ? A DAS 10 
# 
loop_
_chem_comp_atom.comp_id 
_chem_comp_atom.atom_id 
_chem_comp_atom.type_symbol 
_chem_comp_atom.pdbx_aromatic_flag 
_chem_comp_atom.pdbx_stereo_config 
_chem_comp_atom.pdbx_ordinal 
ARG N    N N N 1   
ARG CA   C N S 2   
ARG C    C N N 3   
ARG O    O N N 4   
ARG CB   C N N 5   
ARG CG   C N N 6   
ARG CD   C N N 7   
ARG NE   N N N 8   
ARG CZ   C N N 9   
ARG NH1  N N N 10  
ARG NH2  N N N 11  
ARG OXT  O N N 12  
ARG H    H N N 13  
ARG H2   H N N 14  
ARG HA   H N N 15  
ARG HB2  H N N 16  
ARG HB3  H N N 17  
ARG HG2  H N N 18  
ARG HG3  H N N 19  
ARG HD2  H N N 20  
ARG HD3  H N N 21  
ARG HE   H N N 22  
ARG HH11 H N N 23  
ARG HH12 H N N 24  
ARG HH21 H N N 25  
ARG HH22 H N N 26  
ARG HXT  H N N 27  
ASP N    N N N 28  
ASP CA   C N S 29  
ASP C    C N N 30  
ASP O    O N N 31  
ASP CB   C N N 32  
ASP CG   C N N 33  
ASP OD1  O N N 34  
ASP OD2  O N N 35  
ASP OXT  O N N 36  
ASP H    H N N 37  
ASP H2   H N N 38  
ASP HA   H N N 39  
ASP HB2  H N N 40  
ASP HB3  H N N 41  
ASP HD2  H N N 42  
ASP HXT  H N N 43  
DAR N    N N N 44  
DAR CA   C N R 45  
DAR CB   C N N 46  
DAR CG   C N N 47  
DAR CD   C N N 48  
DAR NE   N N N 49  
DAR CZ   C N N 50  
DAR NH1  N N N 51  
DAR NH2  N N N 52  
DAR C    C N N 53  
DAR O    O N N 54  
DAR OXT  O N N 55  
DAR H    H N N 56  
DAR H2   H N N 57  
DAR HA   H N N 58  
DAR HB2  H N N 59  
DAR HB3  H N N 60  
DAR HG2  H N N 61  
DAR HG3  H N N 62  
DAR HD2  H N N 63  
DAR HD3  H N N 64  
DAR HE   H N N 65  
DAR HH11 H N N 66  
DAR HH12 H N N 67  
DAR HH21 H N N 68  
DAR HH22 H N N 69  
DAR HXT  H N N 70  
DAS N    N N N 71  
DAS CA   C N R 72  
DAS C    C N N 73  
DAS O    O N N 74  
DAS CB   C N N 75  
DAS CG   C N N 76  
DAS OD1  O N N 77  
DAS OD2  O N N 78  
DAS OXT  O N N 79  
DAS H    H N N 80  
DAS H2   H N N 81  
DAS HA   H N N 82  
DAS HB2  H N N 83  
DAS HB3  H N N 84  
DAS HD2  H N N 85  
DAS HXT  H N N 86  
DGN N    N N N 87  
DGN CA   C N R 88  
DGN C    C N N 89  
DGN O    O N N 90  
DGN OXT  O N N 91  
DGN CB   C N N 92  
DGN CG   C N N 93  
DGN CD   C N N 94  
DGN OE1  O N N 95  
DGN NE2  N N N 96  
DGN H    H N N 97  
DGN H2   H N N 98  
DGN HA   H N N 99  
DGN HXT  H N N 100 
DGN HB2  H N N 101 
DGN HB3  H N N 102 
DGN HG2  H N N 103 
DGN HG3  H N N 104 
DGN HE21 H N N 105 
DGN HE22 H N N 106 
DPR N    N N N 107 
DPR CA   C N R 108 
DPR CB   C N N 109 
DPR CG   C N N 110 
DPR CD   C N N 111 
DPR C    C N N 112 
DPR O    O N N 113 
DPR OXT  O N N 114 
DPR H    H N N 115 
DPR HA   H N N 116 
DPR HB2  H N N 117 
DPR HB3  H N N 118 
DPR HG2  H N N 119 
DPR HG3  H N N 120 
DPR HD2  H N N 121 
DPR HD3  H N N 122 
DPR HXT  H N N 123 
DTH N    N N N 124 
DTH CA   C N R 125 
DTH CB   C N S 126 
DTH CG2  C N N 127 
DTH OG1  O N N 128 
DTH C    C N N 129 
DTH O    O N N 130 
DTH OXT  O N N 131 
DTH H    H N N 132 
DTH H2   H N N 133 
DTH HA   H N N 134 
DTH HB   H N N 135 
DTH HG21 H N N 136 
DTH HG22 H N N 137 
DTH HG23 H N N 138 
DTH HG1  H N N 139 
DTH HXT  H N N 140 
GLN N    N N N 141 
GLN CA   C N S 142 
GLN C    C N N 143 
GLN O    O N N 144 
GLN CB   C N N 145 
GLN CG   C N N 146 
GLN CD   C N N 147 
GLN OE1  O N N 148 
GLN NE2  N N N 149 
GLN OXT  O N N 150 
GLN H    H N N 151 
GLN H2   H N N 152 
GLN HA   H N N 153 
GLN HB2  H N N 154 
GLN HB3  H N N 155 
GLN HG2  H N N 156 
GLN HG3  H N N 157 
GLN HE21 H N N 158 
GLN HE22 H N N 159 
GLN HXT  H N N 160 
HOH O    O N N 161 
HOH H1   H N N 162 
HOH H2   H N N 163 
PRO N    N N N 164 
PRO CA   C N S 165 
PRO C    C N N 166 
PRO O    O N N 167 
PRO CB   C N N 168 
PRO CG   C N N 169 
PRO CD   C N N 170 
PRO OXT  O N N 171 
PRO H    H N N 172 
PRO HA   H N N 173 
PRO HB2  H N N 174 
PRO HB3  H N N 175 
PRO HG2  H N N 176 
PRO HG3  H N N 177 
PRO HD2  H N N 178 
PRO HD3  H N N 179 
PRO HXT  H N N 180 
THR N    N N N 181 
THR CA   C N S 182 
THR C    C N N 183 
THR O    O N N 184 
THR CB   C N R 185 
THR OG1  O N N 186 
THR CG2  C N N 187 
THR OXT  O N N 188 
THR H    H N N 189 
THR H2   H N N 190 
THR HA   H N N 191 
THR HB   H N N 192 
THR HG1  H N N 193 
THR HG21 H N N 194 
THR HG22 H N N 195 
THR HG23 H N N 196 
THR HXT  H N N 197 
# 
loop_
_chem_comp_bond.comp_id 
_chem_comp_bond.atom_id_1 
_chem_comp_bond.atom_id_2 
_chem_comp_bond.value_order 
_chem_comp_bond.pdbx_aromatic_flag 
_chem_comp_bond.pdbx_stereo_config 
_chem_comp_bond.pdbx_ordinal 
ARG N   CA   sing N N 1   
ARG N   H    sing N N 2   
ARG N   H2   sing N N 3   
ARG CA  C    sing N N 4   
ARG CA  CB   sing N N 5   
ARG CA  HA   sing N N 6   
ARG C   O    doub N N 7   
ARG C   OXT  sing N N 8   
ARG CB  CG   sing N N 9   
ARG CB  HB2  sing N N 10  
ARG CB  HB3  sing N N 11  
ARG CG  CD   sing N N 12  
ARG CG  HG2  sing N N 13  
ARG CG  HG3  sing N N 14  
ARG CD  NE   sing N N 15  
ARG CD  HD2  sing N N 16  
ARG CD  HD3  sing N N 17  
ARG NE  CZ   sing N N 18  
ARG NE  HE   sing N N 19  
ARG CZ  NH1  sing N N 20  
ARG CZ  NH2  doub N N 21  
ARG NH1 HH11 sing N N 22  
ARG NH1 HH12 sing N N 23  
ARG NH2 HH21 sing N N 24  
ARG NH2 HH22 sing N N 25  
ARG OXT HXT  sing N N 26  
ASP N   CA   sing N N 27  
ASP N   H    sing N N 28  
ASP N   H2   sing N N 29  
ASP CA  C    sing N N 30  
ASP CA  CB   sing N N 31  
ASP CA  HA   sing N N 32  
ASP C   O    doub N N 33  
ASP C   OXT  sing N N 34  
ASP CB  CG   sing N N 35  
ASP CB  HB2  sing N N 36  
ASP CB  HB3  sing N N 37  
ASP CG  OD1  doub N N 38  
ASP CG  OD2  sing N N 39  
ASP OD2 HD2  sing N N 40  
ASP OXT HXT  sing N N 41  
DAR N   CA   sing N N 42  
DAR N   H    sing N N 43  
DAR N   H2   sing N N 44  
DAR CA  CB   sing N N 45  
DAR CA  C    sing N N 46  
DAR CA  HA   sing N N 47  
DAR CB  CG   sing N N 48  
DAR CB  HB2  sing N N 49  
DAR CB  HB3  sing N N 50  
DAR CG  CD   sing N N 51  
DAR CG  HG2  sing N N 52  
DAR CG  HG3  sing N N 53  
DAR CD  NE   sing N N 54  
DAR CD  HD2  sing N N 55  
DAR CD  HD3  sing N N 56  
DAR NE  CZ   sing N N 57  
DAR NE  HE   sing N N 58  
DAR CZ  NH1  sing N N 59  
DAR CZ  NH2  doub N N 60  
DAR NH1 HH11 sing N N 61  
DAR NH1 HH12 sing N N 62  
DAR NH2 HH21 sing N N 63  
DAR NH2 HH22 sing N N 64  
DAR C   O    doub N N 65  
DAR C   OXT  sing N N 66  
DAR OXT HXT  sing N N 67  
DAS N   CA   sing N N 68  
DAS N   H    sing N N 69  
DAS N   H2   sing N N 70  
DAS CA  C    sing N N 71  
DAS CA  CB   sing N N 72  
DAS CA  HA   sing N N 73  
DAS C   O    doub N N 74  
DAS C   OXT  sing N N 75  
DAS CB  CG   sing N N 76  
DAS CB  HB2  sing N N 77  
DAS CB  HB3  sing N N 78  
DAS CG  OD1  doub N N 79  
DAS CG  OD2  sing N N 80  
DAS OD2 HD2  sing N N 81  
DAS OXT HXT  sing N N 82  
DGN N   CA   sing N N 83  
DGN N   H    sing N N 84  
DGN N   H2   sing N N 85  
DGN CA  C    sing N N 86  
DGN CA  CB   sing N N 87  
DGN CA  HA   sing N N 88  
DGN C   O    doub N N 89  
DGN C   OXT  sing N N 90  
DGN OXT HXT  sing N N 91  
DGN CB  CG   sing N N 92  
DGN CB  HB2  sing N N 93  
DGN CB  HB3  sing N N 94  
DGN CG  CD   sing N N 95  
DGN CG  HG2  sing N N 96  
DGN CG  HG3  sing N N 97  
DGN CD  OE1  doub N N 98  
DGN CD  NE2  sing N N 99  
DGN NE2 HE21 sing N N 100 
DGN NE2 HE22 sing N N 101 
DPR N   CA   sing N N 102 
DPR N   CD   sing N N 103 
DPR N   H    sing N N 104 
DPR CA  CB   sing N N 105 
DPR CA  C    sing N N 106 
DPR CA  HA   sing N N 107 
DPR CB  CG   sing N N 108 
DPR CB  HB2  sing N N 109 
DPR CB  HB3  sing N N 110 
DPR CG  CD   sing N N 111 
DPR CG  HG2  sing N N 112 
DPR CG  HG3  sing N N 113 
DPR CD  HD2  sing N N 114 
DPR CD  HD3  sing N N 115 
DPR C   O    doub N N 116 
DPR C   OXT  sing N N 117 
DPR OXT HXT  sing N N 118 
DTH N   CA   sing N N 119 
DTH N   H    sing N N 120 
DTH N   H2   sing N N 121 
DTH CA  CB   sing N N 122 
DTH CA  C    sing N N 123 
DTH CA  HA   sing N N 124 
DTH CB  CG2  sing N N 125 
DTH CB  OG1  sing N N 126 
DTH CB  HB   sing N N 127 
DTH CG2 HG21 sing N N 128 
DTH CG2 HG22 sing N N 129 
DTH CG2 HG23 sing N N 130 
DTH OG1 HG1  sing N N 131 
DTH C   O    doub N N 132 
DTH C   OXT  sing N N 133 
DTH OXT HXT  sing N N 134 
GLN N   CA   sing N N 135 
GLN N   H    sing N N 136 
GLN N   H2   sing N N 137 
GLN CA  C    sing N N 138 
GLN CA  CB   sing N N 139 
GLN CA  HA   sing N N 140 
GLN C   O    doub N N 141 
GLN C   OXT  sing N N 142 
GLN CB  CG   sing N N 143 
GLN CB  HB2  sing N N 144 
GLN CB  HB3  sing N N 145 
GLN CG  CD   sing N N 146 
GLN CG  HG2  sing N N 147 
GLN CG  HG3  sing N N 148 
GLN CD  OE1  doub N N 149 
GLN CD  NE2  sing N N 150 
GLN NE2 HE21 sing N N 151 
GLN NE2 HE22 sing N N 152 
GLN OXT HXT  sing N N 153 
HOH O   H1   sing N N 154 
HOH O   H2   sing N N 155 
PRO N   CA   sing N N 156 
PRO N   CD   sing N N 157 
PRO N   H    sing N N 158 
PRO CA  C    sing N N 159 
PRO CA  CB   sing N N 160 
PRO CA  HA   sing N N 161 
PRO C   O    doub N N 162 
PRO C   OXT  sing N N 163 
PRO CB  CG   sing N N 164 
PRO CB  HB2  sing N N 165 
PRO CB  HB3  sing N N 166 
PRO CG  CD   sing N N 167 
PRO CG  HG2  sing N N 168 
PRO CG  HG3  sing N N 169 
PRO CD  HD2  sing N N 170 
PRO CD  HD3  sing N N 171 
PRO OXT HXT  sing N N 172 
THR N   CA   sing N N 173 
THR N   H    sing N N 174 
THR N   H2   sing N N 175 
THR CA  C    sing N N 176 
THR CA  CB   sing N N 177 
THR CA  HA   sing N N 178 
THR C   O    doub N N 179 
THR C   OXT  sing N N 180 
THR CB  OG1  sing N N 181 
THR CB  CG2  sing N N 182 
THR CB  HB   sing N N 183 
THR OG1 HG1  sing N N 184 
THR CG2 HG21 sing N N 185 
THR CG2 HG22 sing N N 186 
THR CG2 HG23 sing N N 187 
THR OXT HXT  sing N N 188 
# 
loop_
_pdbx_audit_support.funding_organization 
_pdbx_audit_support.country 
_pdbx_audit_support.grant_number 
_pdbx_audit_support.ordinal 
'Department of Energy (DOE, United States)' 'United States' DE-FC02-02ER63421 1 
'Department of Energy (DOE, United States)' 'United States' DE-AC02-06CH11357 2 
# 
_space_group.name_H-M_alt     'P -1' 
_space_group.name_Hall        '-P 1' 
_space_group.IT_number        2 
_space_group.crystal_system   triclinic 
_space_group.id               1 
# 
_atom_sites.entry_id                    6UDR 
_atom_sites.Cartn_transf_matrix[1][1]   ? 
_atom_sites.Cartn_transf_matrix[1][2]   ? 
_atom_sites.Cartn_transf_matrix[1][3]   ? 
_atom_sites.Cartn_transf_matrix[2][1]   ? 
_atom_sites.Cartn_transf_matrix[2][2]   ? 
_atom_sites.Cartn_transf_matrix[2][3]   ? 
_atom_sites.Cartn_transf_matrix[3][1]   ? 
_atom_sites.Cartn_transf_matrix[3][2]   ? 
_atom_sites.Cartn_transf_matrix[3][3]   ? 
_atom_sites.Cartn_transf_vector[1]      ? 
_atom_sites.Cartn_transf_vector[2]      ? 
_atom_sites.Cartn_transf_vector[3]      ? 
_atom_sites.fract_transf_matrix[1][1]   -0.00984964 
_atom_sites.fract_transf_matrix[1][2]   -0.05723849 
_atom_sites.fract_transf_matrix[1][3]   0.08576908 
_atom_sites.fract_transf_matrix[2][1]   0.04802041 
_atom_sites.fract_transf_matrix[2][2]   0.01900298 
_atom_sites.fract_transf_matrix[2][3]   0.07886268 
_atom_sites.fract_transf_matrix[3][1]   -0.04773972 
_atom_sites.fract_transf_matrix[3][2]   0.03791228 
_atom_sites.fract_transf_matrix[3][3]   0.06174775 
_atom_sites.fract_transf_vector[1]      0.199523 
_atom_sites.fract_transf_vector[2]      0.097644 
_atom_sites.fract_transf_vector[3]      0.015810 
_atom_sites.solution_primary            ? 
_atom_sites.solution_secondary          ? 
_atom_sites.solution_hydrogens          ? 
_atom_sites.special_details             ? 
# 
loop_
_atom_type.symbol 
_atom_type.scat_dispersion_real 
_atom_type.scat_dispersion_imag 
_atom_type.scat_Cromer_Mann_a1 
_atom_type.scat_Cromer_Mann_a2 
_atom_type.scat_Cromer_Mann_a3 
_atom_type.scat_Cromer_Mann_a4 
_atom_type.scat_Cromer_Mann_b1 
_atom_type.scat_Cromer_Mann_b2 
_atom_type.scat_Cromer_Mann_b3 
_atom_type.scat_Cromer_Mann_b4 
_atom_type.scat_Cromer_Mann_c 
_atom_type.scat_source 
_atom_type.scat_dispersion_source 
C ? ? 3.54356 2.42580 ?       ? 25.62398 1.50364  ?       ? 0.0 
;2-Gaussian fit: Grosse-Kunstleve RW, Sauter NK, Adams PD: Newsletter of the IUCr Commission on Crystallographic Computing 2004, 3, 22-31.
;
? 
H ? ? 0.53795 0.34799 0.11320 ? 10.08003 29.74760 2.57510 ? 0.0 
;3-Gaussian fit: Grosse-Kunstleve RW, Sauter NK, Adams PD: Newsletter of the IUCr Commission on Crystallographic Computing 2004, 3, 22-31.
;
? 
N ? ? 4.01032 2.96436 ?       ? 19.97189 1.75589  ?       ? 0.0 
;2-Gaussian fit: Grosse-Kunstleve RW, Sauter NK, Adams PD: Newsletter of the IUCr Commission on Crystallographic Computing 2004, 3, 22-31.
;
? 
O ? ? 4.49882 3.47563 ?       ? 15.80542 1.70748  ?       ? 0.0 
;2-Gaussian fit: Grosse-Kunstleve RW, Sauter NK, Adams PD: Newsletter of the IUCr Commission on Crystallographic Computing 2004, 3, 22-31.
;
? 
# 
loop_
_atom_site.group_PDB 
_atom_site.id 
_atom_site.type_symbol 
_atom_site.label_atom_id 
_atom_site.label_alt_id 
_atom_site.label_comp_id 
_atom_site.label_asym_id 
_atom_site.label_entity_id 
_atom_site.label_seq_id 
_atom_site.pdbx_PDB_ins_code 
_atom_site.Cartn_x 
_atom_site.Cartn_y 
_atom_site.Cartn_z 
_atom_site.occupancy 
_atom_site.B_iso_or_equiv 
_atom_site.pdbx_formal_charge 
_atom_site.auth_seq_id 
_atom_site.auth_comp_id 
_atom_site.auth_asym_id 
_atom_site.auth_atom_id 
_atom_site.pdbx_PDB_model_num 
HETATM 1  N N    . DGN A 1 1 ? -1.52541 4.22883  1.96718  1.000 0.79628 ? 1   DGN A N    1 
HETATM 2  C CA   . DGN A 1 1 ? -0.85843 3.49480  3.02346  1.000 1.17382 ? 1   DGN A CA   1 
HETATM 3  C C    . DGN A 1 1 ? -1.34359 2.05489  3.09120  1.000 1.29423 ? 1   DGN A C    1 
HETATM 4  O O    . DGN A 1 1 ? -0.73699 1.23720  3.79384  1.000 2.59863 ? 1   DGN A O    1 
HETATM 5  C CB   . DGN A 1 1 ? 0.66105  3.55164  2.87753  1.000 1.31593 ? 1   DGN A CB   1 
HETATM 6  C CG   . DGN A 1 1 ? 1.22705  4.95244  2.94549  1.000 1.46440 ? 1   DGN A CG   1 
HETATM 7  C CD   . DGN A 1 1 ? 2.72324  4.89909  3.22020  1.000 1.74064 ? 1   DGN A CD   1 
HETATM 8  O OE1  . DGN A 1 1 ? 3.45363  4.09778  2.61869  1.000 2.35819 ? 1   DGN A OE1  1 
HETATM 9  N NE2  . DGN A 1 1 ? 3.17836  5.72855  4.17294  1.000 1.86786 ? 1   DGN A NE2  1 
HETATM 10 H H1   . DGN A 1 1 ? -1.25659 4.10202  1.16099  1.000 0.94838 ? 1   DGN A H1   1 
HETATM 11 H HA   . DGN A 1 1 ? -1.08967 3.92415  3.87389  1.000 1.40142 ? 1   DGN A HA   1 
HETATM 12 H HB2  . DGN A 1 1 ? 1.06371  3.01707  3.58030  1.000 1.57195 ? 1   DGN A HB2  1 
HETATM 13 H HB3  . DGN A 1 1 ? 0.90843  3.15587  2.02740  1.000 1.57195 ? 1   DGN A HB3  1 
HETATM 14 H HG2  . DGN A 1 1 ? 0.78264  5.44920  3.65015  1.000 1.75012 ? 1   DGN A HG2  1 
HETATM 15 H HG3  . DGN A 1 1 ? 1.06539  5.40973  2.10551  1.000 1.75012 ? 1   DGN A HG3  1 
HETATM 16 H HE21 . DGN A 1 1 ? 4.03900  5.74030  4.37441  1.000 2.23427 ? 1   DGN A HE21 1 
HETATM 17 H HE22 . DGN A 1 1 ? 2.61790  6.26275  4.59907  1.000 2.23427 ? 1   DGN A HE22 1 
ATOM   18 N N    . THR A 1 2 ? -2.41218 1.70299  2.38132  1.000 0.78731 ? 2   THR A N    1 
ATOM   19 C CA   . THR A 1 2 ? -2.99109 0.38147  2.43176  1.000 1.08838 ? 2   THR A CA   1 
ATOM   20 C C    . THR A 1 2 ? -2.40117 -0.59343 1.42915  1.000 0.83603 ? 2   THR A C    1 
ATOM   21 O O    . THR A 1 2 ? -2.56524 -1.80458 1.58360  1.000 1.18347 ? 2   THR A O    1 
ATOM   22 C CB   . THR A 1 2 ? -4.52152 0.40888  2.28704  1.000 1.56981 ? 2   THR A CB   1 
ATOM   23 O OG1  . THR A 1 2 ? -4.91076 0.60462  0.93284  1.000 1.44406 ? 2   THR A OG1  1 
ATOM   24 C CG2  . THR A 1 2 ? -5.16115 1.44199  3.19160  1.000 1.91713 ? 2   THR A CG2  1 
ATOM   25 H H    . THR A 1 2 ? -2.77481 2.28895  1.86766  1.000 0.93761 ? 2   THR A H    1 
ATOM   26 H HA   . THR A 1 2 ? -2.79772 0.02214  3.32324  1.000 1.29890 ? 2   THR A HA   1 
ATOM   27 H HB   . THR A 1 2 ? -4.85642 -0.46983 2.56342  1.000 1.87661 ? 2   THR A HB   1 
ATOM   28 H HG1  . THR A 1 2 ? -4.70946 1.36432  0.69650  1.000 1.72571 ? 2   THR A HG1  1 
ATOM   29 H HG21 . THR A 1 2 ? -4.88375 1.28968  4.09822  1.000 2.29340 ? 2   THR A HG21 1 
ATOM   30 H HG22 . THR A 1 2 ? -4.88910 2.32068  2.91723  1.000 2.29340 ? 2   THR A HG22 1 
ATOM   31 H HG23 . THR A 1 2 ? -6.11712 1.37040  3.13303  1.000 2.29340 ? 2   THR A HG23 1 
ATOM   32 N N    . ARG A 1 3 ? -1.74516 -0.06218 0.37213  1.000 0.69788 ? 3   ARG A N    1 
ATOM   33 C CA   . ARG A 1 3 ? -1.22718 -0.90687 -0.70563 1.000 0.80283 ? 3   ARG A CA   1 
ATOM   34 C C    . ARG A 1 3 ? 0.09444  -0.32092 -1.23384 1.000 0.71937 ? 3   ARG A C    1 
ATOM   35 O O    . ARG A 1 3 ? 0.17789  0.18603  -2.35886 1.000 0.77839 ? 3   ARG A O    1 
ATOM   36 C CB   . ARG A 1 3 ? -2.21797 -1.10221 -1.83090 1.000 1.10490 ? 3   ARG A CB   1 
ATOM   37 C CG   . ARG A 1 3 ? -3.43933 -1.92663 -1.44833 1.000 1.37209 ? 3   ARG A CG   1 
ATOM   38 C CD   . ARG A 1 3 ? -3.13306 -3.36397 -1.12161 1.000 1.56295 ? 3   ARG A CD   1 
ATOM   39 N NE   . ARG A 1 3 ? -2.62961 -4.13346 -2.25677 1.000 1.64340 ? 3   ARG A NE   1 
ATOM   40 C CZ   . ARG A 1 3 ? -3.24822 -5.12682 -2.84462 1.000 1.50322 ? 3   ARG A CZ   1 
ATOM   41 N NH1  . ARG A 1 3 ? -4.53574 -5.40476 -2.59579 1.000 1.73513 ? 3   ARG A NH1  1 
ATOM   42 N NH2  . ARG A 1 3 ? -2.56904 -5.87971 -3.70656 1.000 1.80368 ? 3   ARG A NH2  1 
ATOM   43 H H    . ARG A 1 3 ? -1.62938 0.78963  0.33352  1.000 0.83029 ? 3   ARG A H    1 
ATOM   44 H HA   . ARG A 1 3 ? -1.03136 -1.78907 -0.32595 1.000 0.95624 ? 3   ARG A HA   1 
ATOM   45 H HB2  . ARG A 1 3 ? -2.51372 -0.23175 -2.13871 1.000 1.31872 ? 3   ARG A HB2  1 
ATOM   46 H HB3  . ARG A 1 3 ? -1.76690 -1.53820 -2.57054 1.000 1.31872 ? 3   ARG A HB3  1 
ATOM   47 H HG2  . ARG A 1 3 ? -3.86383 -1.51605 -0.67959 1.000 1.63935 ? 3   ARG A HG2  1 
ATOM   48 H HG3  . ARG A 1 3 ? -4.07251 -1.90188 -2.18212 1.000 1.63935 ? 3   ARG A HG3  1 
ATOM   49 H HD2  . ARG A 1 3 ? -2.47439 -3.38904 -0.41006 1.000 1.86838 ? 3   ARG A HD2  1 
ATOM   50 H HD3  . ARG A 1 3 ? -3.94049 -3.78707 -0.79048 1.000 1.86838 ? 3   ARG A HD3  1 
ATOM   51 H HE   . ARG A 1 3 ? -1.85804 -3.91481 -2.56738 1.000 1.96492 ? 3   ARG A HE   1 
ATOM   52 H HH11 . ARG A 1 3 ? -4.97906 -4.92609 -2.03657 1.000 2.07500 ? 3   ARG A HH11 1 
ATOM   53 H HH12 . ARG A 1 3 ? -4.91826 -6.06411 -2.99540 1.000 2.07500 ? 3   ARG A HH12 1 
ATOM   54 H HH21 . ARG A 1 3 ? -1.74184 -5.70886 -3.86752 1.000 2.15726 ? 3   ARG A HH21 1 
ATOM   55 H HH22 . ARG A 1 3 ? -2.95780 -6.53608 -4.10299 1.000 2.15726 ? 3   ARG A HH22 1 
ATOM   56 N N    . PRO A 1 4 ? 1.19135  -0.46436 -0.46212 1.000 0.83930 ? 4   PRO A N    1 
ATOM   57 C CA   . PRO A 1 4 ? 2.52013  -0.14994 -1.01060 1.000 1.03098 ? 4   PRO A CA   1 
ATOM   58 C C    . PRO A 1 4 ? 2.78387  -0.85310 -2.33107 1.000 0.71992 ? 4   PRO A C    1 
ATOM   59 O O    . PRO A 1 4 ? 3.44560  -0.29264 -3.21892 1.000 0.79345 ? 4   PRO A O    1 
ATOM   60 C CB   . PRO A 1 4 ? 3.47118  -0.61641 0.07996  1.000 1.44305 ? 4   PRO A CB   1 
ATOM   61 C CG   . PRO A 1 4 ? 2.65379  -0.44672 1.37581  1.000 1.47461 ? 4   PRO A CG   1 
ATOM   62 C CD   . PRO A 1 4 ? 1.25949  -0.90704 0.94440  1.000 1.17745 ? 4   PRO A CD   1 
ATOM   63 H HA   . PRO A 1 4 ? 2.60689  0.81896  -1.13089 1.000 1.23002 ? 4   PRO A HA   1 
ATOM   64 H HB2  . PRO A 1 4 ? 3.72402  -1.54339 -0.05196 1.000 1.72450 ? 4   PRO A HB2  1 
ATOM   65 H HB3  . PRO A 1 4 ? 4.27153  -0.07000 0.10047  1.000 1.72450 ? 4   PRO A HB3  1 
ATOM   66 H HG2  . PRO A 1 4 ? 3.00465  -1.00330 2.08857  1.000 1.76238 ? 4   PRO A HG2  1 
ATOM   67 H HG3  . PRO A 1 4 ? 2.64559  0.47831  1.66854  1.000 1.76238 ? 4   PRO A HG3  1 
ATOM   68 H HD2  . PRO A 1 4 ? 1.17090  -1.87057 1.01361  1.000 1.40577 ? 4   PRO A HD2  1 
ATOM   69 H HD3  . PRO A 1 4 ? 0.56975  -0.48402 1.47937  1.000 1.40577 ? 4   PRO A HD3  1 
ATOM   70 N N    . ASP A 1 5 ? 2.32371  -2.10210 -2.49190 1.000 0.83063 ? 5   ASP A N    1 
ATOM   71 C CA   . ASP A 1 5 ? 2.55657  -2.81946 -3.73900 1.000 0.97688 ? 5   ASP A CA   1 
ATOM   72 C C    . ASP A 1 5 ? 1.88494  -2.18160 -4.94781 1.000 0.93364 ? 5   ASP A C    1 
ATOM   73 O O    . ASP A 1 5 ? 2.29972  -2.49501 -6.07604 1.000 1.61583 ? 5   ASP A O    1 
ATOM   74 C CB   . ASP A 1 5 ? 2.17381  -4.28466 -3.62153 1.000 1.19548 ? 5   ASP A CB   1 
ATOM   75 C CG   . ASP A 1 5 ? 0.69476  -4.55153 -3.36316 1.000 1.38132 ? 5   ASP A CG   1 
ATOM   76 O OD1  . ASP A 1 5 ? -0.03249 -3.59163 -3.03788 1.000 1.60990 ? 5   ASP A OD1  1 
ATOM   77 O OD2  . ASP A 1 5 ? 0.30568  -5.74515 -3.51289 1.000 1.87325 ? 5   ASP A OD2  1 
ATOM   78 H H    . ASP A 1 5 ? 1.88848  -2.48298 -1.85538 1.000 0.98960 ? 5   ASP A H    1 
ATOM   79 H HA   . ASP A 1 5 ? 3.52192  -2.79273 -3.90560 1.000 1.16510 ? 5   ASP A HA   1 
ATOM   80 H HB2  . ASP A 1 5 ? 2.42831  -4.73592 -4.44194 1.000 1.42741 ? 5   ASP A HB2  1 
ATOM   81 H HB3  . ASP A 1 5 ? 2.68784  -4.67940 -2.90024 1.000 1.42741 ? 5   ASP A HB3  1 
HETATM 82 O O    . HOH B 2 . ? 4.43508  2.46501  0.58300  1.000 5.03534 ? 101 HOH A O    1 
HETATM 83 O O    . HOH B 2 . ? -5.24554 -8.24906 -3.24470 1.000 1.64883 ? 102 HOH A O    1 
HETATM 84 H H1   . HOH B 2 . ? -4.54835 -8.48506 -2.81934 1.000 1.97143 ? 102 HOH A H1   1 
HETATM 85 H H2   . HOH B 2 . ? -5.05118 -8.16223 -4.03165 1.000 1.97143 ? 102 HOH A H2   1 
HETATM 86 O O    . HOH B 2 . ? 1.45377  -4.04341 -0.36917 1.000 2.17779 ? 103 HOH A O    1 
HETATM 87 H H1   . HOH B 2 . ? 0.68175  -4.51850 -0.29915 1.000 2.60618 ? 103 HOH A H1   1 
HETATM 88 H H2   . HOH B 2 . ? 1.80639  -4.14352 0.46661  1.000 2.60618 ? 103 HOH A H2   1 
HETATM 89 O O    . HOH B 2 . ? -6.41440 -3.64779 -0.68924 1.000 2.25702 ? 104 HOH A O    1 
HETATM 90 H H1   . HOH B 2 . ? -7.16040 -4.16935 -0.70828 1.000 2.70127 ? 104 HOH A H1   1 
HETATM 91 H H2   . HOH B 2 . ? -6.72542 -3.06450 -1.39463 1.000 2.70127 ? 104 HOH A H2   1 
# 
loop_
_atom_site_anisotrop.id 
_atom_site_anisotrop.type_symbol 
_atom_site_anisotrop.pdbx_label_atom_id 
_atom_site_anisotrop.pdbx_label_alt_id 
_atom_site_anisotrop.pdbx_label_comp_id 
_atom_site_anisotrop.pdbx_label_asym_id 
_atom_site_anisotrop.pdbx_label_seq_id 
_atom_site_anisotrop.pdbx_PDB_ins_code 
_atom_site_anisotrop.U[1][1] 
_atom_site_anisotrop.U[2][2] 
_atom_site_anisotrop.U[3][3] 
_atom_site_anisotrop.U[1][2] 
_atom_site_anisotrop.U[1][3] 
_atom_site_anisotrop.U[2][3] 
_atom_site_anisotrop.pdbx_auth_seq_id 
_atom_site_anisotrop.pdbx_auth_comp_id 
_atom_site_anisotrop.pdbx_auth_asym_id 
_atom_site_anisotrop.pdbx_auth_atom_id 
1  N N   . DGN A 1 ? 0.01036 0.01490 0.00500 0.00158  -0.00025 -0.00264 1   DGN A N   
2  C CA  . DGN A 1 ? 0.01558 0.01514 0.01388 0.00409  -0.00288 -0.00013 1   DGN A CA  
3  C C   . DGN A 1 ? 0.01842 0.01843 0.01232 0.00187  -0.00405 0.00478  1   DGN A C   
4  O O   . DGN A 1 ? 0.02506 0.02985 0.04381 -0.00641 -0.01260 0.01466  1   DGN A O   
5  C CB  . DGN A 1 ? 0.01586 0.01891 0.01523 0.00312  0.00003  0.00150  1   DGN A CB  
6  C CG  . DGN A 1 ? 0.01422 0.01862 0.02280 0.00335  0.00242  0.00021  1   DGN A CG  
7  C CD  . DGN A 1 ? 0.01721 0.02399 0.02493 0.00374  0.00514  -0.00220 1   DGN A CD  
8  O OE1 . DGN A 1 ? 0.01980 0.02796 0.04183 0.00440  0.00783  -0.01141 1   DGN A OE1 
9  N NE2 . DGN A 1 ? 0.01603 0.02142 0.03352 0.00224  0.00065  -0.00399 1   DGN A NE2 
18 N N   . THR A 2 ? 0.01233 0.01247 0.00510 0.00289  0.00186  0.00217  2   THR A N   
19 C CA  . THR A 2 ? 0.01110 0.01491 0.01535 0.00144  0.00267  0.00035  2   THR A CA  
20 C C   . THR A 2 ? 0.01004 0.01207 0.00966 -0.00028 0.00056  0.00039  2   THR A C   
21 O O   . THR A 2 ? 0.01576 0.01400 0.01523 0.00179  0.00512  0.00390  2   THR A O   
22 C CB  . THR A 2 ? 0.01159 0.02067 0.02740 0.00077  0.00618  0.00104  2   THR A CB  
23 O OG1 . THR A 2 ? 0.01327 0.01644 0.02516 -0.00050 -0.00376 -0.00046 2   THR A OG1 
24 C CG2 . THR A 2 ? 0.01435 0.02558 0.03289 0.00212  0.00963  0.00137  2   THR A CG2 
32 N N   . ARG A 3 ? 0.00931 0.00775 0.00946 0.00275  0.00367  0.00040  3   ARG A N   
33 C CA  . ARG A 3 ? 0.01155 0.00822 0.01073 0.00272  0.00319  -0.00297 3   ARG A CA  
34 C C   . ARG A 3 ? 0.00983 0.00839 0.00911 0.00267  0.00304  -0.00270 3   ARG A C   
35 O O   . ARG A 3 ? 0.01119 0.01035 0.00803 0.00197  0.00282  -0.00382 3   ARG A O   
36 C CB  . ARG A 3 ? 0.01643 0.01090 0.01464 0.00372  0.00252  -0.00567 3   ARG A CB  
37 C CG  . ARG A 3 ? 0.01474 0.01979 0.01760 0.00111  0.00357  -0.00629 3   ARG A CG  
38 C CD  . ARG A 3 ? 0.01551 0.02128 0.02260 -0.00203 0.00753  -0.00907 3   ARG A CD  
39 N NE  . ARG A 3 ? 0.01517 0.02275 0.02453 -0.00105 0.00613  -0.00823 3   ARG A NE  
40 C CZ  . ARG A 3 ? 0.01741 0.02359 0.01610 0.00184  0.00288  -0.00615 3   ARG A CZ  
41 N NH1 . ARG A 3 ? 0.01629 0.02225 0.02739 0.00056  0.00170  -0.01069 3   ARG A NH1 
42 N NH2 . ARG A 3 ? 0.02035 0.02212 0.02606 -0.00147 0.00673  -0.01212 3   ARG A NH2 
56 N N   . PRO A 4 ? 0.01022 0.01502 0.00665 0.00140  0.00355  -0.00113 4   PRO A N   
57 C CA  . PRO A 4 ? 0.00964 0.01866 0.01087 0.00425  0.00235  -0.00181 4   PRO A CA  
58 C C   . PRO A 4 ? 0.00636 0.01455 0.00646 0.00436  -0.00018 0.00009  4   PRO A C   
59 O O   . PRO A 4 ? 0.00487 0.01408 0.01120 0.00180  0.00206  0.00004  4   PRO A O   
60 C CB  . PRO A 4 ? 0.01442 0.02437 0.01604 0.00219  -0.00073 -0.00411 4   PRO A CB  
61 C CG  . PRO A 4 ? 0.01308 0.02706 0.01589 0.00110  0.00100  -0.00397 4   PRO A CG  
62 C CD  . PRO A 4 ? 0.00982 0.02213 0.01279 0.00159  0.00431  -0.00320 4   PRO A CD  
70 N N   . ASP A 5 ? 0.00733 0.01387 0.01037 0.00353  0.00261  -0.00177 5   ASP A N   
71 C CA  . ASP A 5 ? 0.00976 0.01321 0.01415 0.00476  0.00304  -0.00296 5   ASP A CA  
72 C C   . ASP A 5 ? 0.01205 0.01416 0.00926 0.00238  0.00295  -0.00461 5   ASP A C   
73 O O   . ASP A 5 ? 0.02218 0.02418 0.01503 0.00613  0.00615  -0.00552 5   ASP A O   
74 C CB  . ASP A 5 ? 0.01317 0.01711 0.01513 0.00517  0.00316  0.00027  5   ASP A CB  
75 C CG  . ASP A 5 ? 0.01776 0.01861 0.01612 0.00458  0.00154  -0.00219 5   ASP A CG  
76 O OD1 . ASP A 5 ? 0.01342 0.01864 0.02911 0.00592  0.00582  -0.00105 5   ASP A OD1 
77 O OD2 . ASP A 5 ? 0.01873 0.02155 0.03089 0.00054  0.00246  -0.00744 5   ASP A OD2 
82 O O   . HOH B . ? 0.06659 0.05098 0.07374 0.00182  0.00935  -0.00818 101 HOH A O   
83 O O   . HOH B . ? 0.01281 0.03499 0.01485 0.00768  0.00002  0.00309  102 HOH A O   
86 O O   . HOH B . ? 0.03099 0.03430 0.01746 -0.00721 0.00537  0.00107  103 HOH A O   
89 O O   . HOH B . ? 0.01613 0.02851 0.04112 -0.00011 -0.00021 0.00749  104 HOH A O   
# 
